data_3JSA
#
_entry.id   3JSA
#
_cell.length_a   110.043
_cell.length_b   110.043
_cell.length_c   60.453
_cell.angle_alpha   90.000
_cell.angle_beta   90.000
_cell.angle_gamma   120.000
#
_symmetry.space_group_name_H-M   'P 32 2 1'
#
loop_
_entity.id
_entity.type
_entity.pdbx_description
1 polymer 'Homoserine dehydrogenase'
2 non-polymer NICOTINAMIDE-ADENINE-DINUCLEOTIDE
3 non-polymer 'SULFATE ION'
4 water water
#
_entity_poly.entity_id   1
_entity_poly.type   'polypeptide(L)'
_entity_poly.pdbx_seq_one_letter_code
;(MSE)KTINLSIFGLGNVGLNLLRIIRSFNEENRLGLKFNVVFVADSLHSYYNERIDIGKVISYKEKGSLDSLEYESISA
SEALARDFDIVVDATPASADGKKELAFYKETFENGKDVVTANKSGLANFWPEI(MSE)EYARSNNRRIRYEATVAGGVPL
FSFIDYSVLPSRIKKFRGIVSLTINYFIRELANKREFDDVLSEATKLGIVEKNYKDDLTGLDAARKSVILCNHLYGSSYR
LSDVFYEGILDQDRSFGKNERLVTETGIVNGKPSAESRIKSLDSNDYLLTLGKGSLGYQLQTDTNGTLNVSDLYDGPYET
AGAV(MSE)NDLVILS(MSE)FTV
;
_entity_poly.pdbx_strand_id   A
#
# COMPACT_ATOMS: atom_id res chain seq x y z
N LYS A 2 -13.12 21.65 9.41
CA LYS A 2 -11.85 21.88 8.72
C LYS A 2 -11.84 21.18 7.34
N THR A 3 -11.66 21.93 6.25
CA THR A 3 -11.69 21.35 4.90
C THR A 3 -10.28 21.10 4.36
N ILE A 4 -10.06 19.87 3.94
CA ILE A 4 -8.81 19.43 3.36
CA ILE A 4 -8.80 19.45 3.34
C ILE A 4 -9.03 19.12 1.89
N ASN A 5 -8.18 19.65 1.03
CA ASN A 5 -8.38 19.53 -0.41
C ASN A 5 -7.42 18.50 -1.02
N LEU A 6 -7.97 17.62 -1.85
CA LEU A 6 -7.23 16.44 -2.40
C LEU A 6 -7.18 16.42 -3.92
N SER A 7 -6.08 15.87 -4.48
CA SER A 7 -6.03 15.49 -5.88
C SER A 7 -5.78 13.99 -5.91
N ILE A 8 -6.68 13.25 -6.57
CA ILE A 8 -6.65 11.79 -6.53
C ILE A 8 -6.15 11.24 -7.87
N PHE A 9 -5.08 10.47 -7.85
CA PHE A 9 -4.52 9.96 -9.09
C PHE A 9 -4.73 8.48 -9.09
N GLY A 10 -5.62 8.03 -9.96
CA GLY A 10 -5.98 6.62 -10.05
C GLY A 10 -7.41 6.42 -9.56
N LEU A 11 -8.23 5.74 -10.38
CA LEU A 11 -9.69 5.53 -10.08
C LEU A 11 -10.08 4.07 -10.21
N GLY A 12 -9.19 3.18 -9.77
CA GLY A 12 -9.37 1.74 -9.98
C GLY A 12 -9.92 1.11 -8.72
N ASN A 13 -9.56 -0.16 -8.45
CA ASN A 13 -10.00 -0.84 -7.22
C ASN A 13 -9.77 0.00 -5.93
N VAL A 14 -8.61 0.62 -5.82
CA VAL A 14 -8.34 1.45 -4.64
C VAL A 14 -8.98 2.83 -4.77
N GLY A 15 -8.65 3.55 -5.86
CA GLY A 15 -9.09 4.93 -6.08
C GLY A 15 -10.60 5.11 -6.03
N LEU A 16 -11.34 4.28 -6.78
CA LEU A 16 -12.78 4.35 -6.75
C LEU A 16 -13.44 4.04 -5.39
N ASN A 17 -12.96 3.01 -4.70
CA ASN A 17 -13.37 2.84 -3.30
C ASN A 17 -12.98 3.99 -2.38
N LEU A 18 -11.82 4.60 -2.60
CA LEU A 18 -11.48 5.80 -1.81
C LEU A 18 -12.51 6.93 -1.98
N LEU A 19 -12.94 7.18 -3.23
CA LEU A 19 -13.99 8.17 -3.48
C LEU A 19 -15.28 7.83 -2.72
N ARG A 20 -15.68 6.57 -2.75
CA ARG A 20 -16.87 6.15 -2.01
C ARG A 20 -16.69 6.38 -0.49
N ILE A 21 -15.52 6.03 0.02
CA ILE A 21 -15.23 6.24 1.45
C ILE A 21 -15.25 7.73 1.79
N ILE A 22 -14.60 8.56 0.97
CA ILE A 22 -14.56 10.00 1.25
C ILE A 22 -15.97 10.58 1.36
N ARG A 23 -16.84 10.18 0.44
CA ARG A 23 -18.24 10.59 0.46
C ARG A 23 -18.93 10.21 1.79
N SER A 24 -18.83 8.95 2.20
CA SER A 24 -19.46 8.51 3.46
CA SER A 24 -19.41 8.45 3.45
C SER A 24 -18.85 9.20 4.66
N PHE A 25 -17.53 9.33 4.65
CA PHE A 25 -16.81 9.95 5.74
C PHE A 25 -17.26 11.40 5.87
N ASN A 26 -17.28 12.14 4.78
CA ASN A 26 -17.78 13.52 4.82
C ASN A 26 -19.17 13.66 5.47
N GLU A 27 -20.09 12.74 5.12
CA GLU A 27 -21.46 12.74 5.64
CA GLU A 27 -21.46 12.76 5.66
C GLU A 27 -21.55 12.36 7.14
N GLU A 28 -20.68 11.44 7.57
CA GLU A 28 -20.78 10.76 8.87
C GLU A 28 -19.79 11.08 10.01
N ASN A 29 -18.63 11.65 9.71
CA ASN A 29 -17.54 11.63 10.69
C ASN A 29 -17.78 12.56 11.90
N ARG A 30 -17.22 12.19 13.05
CA ARG A 30 -17.27 13.02 14.28
C ARG A 30 -15.93 13.69 14.59
N LEU A 31 -15.10 13.80 13.56
CA LEU A 31 -13.75 14.36 13.68
C LEU A 31 -13.64 15.84 13.30
N GLY A 32 -14.74 16.45 12.85
CA GLY A 32 -14.71 17.84 12.39
C GLY A 32 -13.93 18.05 11.09
N LEU A 33 -13.90 17.04 10.24
CA LEU A 33 -13.16 17.11 8.98
C LEU A 33 -14.10 17.04 7.78
N LYS A 34 -13.69 17.69 6.69
CA LYS A 34 -14.32 17.45 5.40
C LYS A 34 -13.23 17.33 4.34
N PHE A 35 -13.33 16.31 3.46
CA PHE A 35 -12.37 16.18 2.38
C PHE A 35 -13.04 16.59 1.07
N ASN A 36 -12.53 17.65 0.45
CA ASN A 36 -12.95 18.11 -0.84
C ASN A 36 -11.91 17.66 -1.90
N VAL A 37 -12.41 17.17 -3.04
CA VAL A 37 -11.58 16.69 -4.15
C VAL A 37 -11.56 17.77 -5.26
N VAL A 38 -10.36 18.18 -5.71
CA VAL A 38 -10.29 19.23 -6.74
C VAL A 38 -9.84 18.63 -8.08
N PHE A 39 -9.38 17.39 -8.04
CA PHE A 39 -8.73 16.81 -9.21
C PHE A 39 -8.82 15.30 -9.12
N VAL A 40 -9.22 14.68 -10.22
CA VAL A 40 -9.15 13.22 -10.38
C VAL A 40 -8.50 12.93 -11.75
N ALA A 41 -7.64 11.91 -11.78
CA ALA A 41 -7.06 11.44 -13.03
C ALA A 41 -7.17 9.92 -13.12
N ASP A 42 -7.46 9.39 -14.31
CA ASP A 42 -7.16 7.99 -14.54
C ASP A 42 -6.27 7.90 -15.80
N SER A 43 -6.12 6.72 -16.42
CA SER A 43 -5.25 6.67 -17.62
C SER A 43 -5.81 7.46 -18.79
N LEU A 44 -7.10 7.76 -18.77
CA LEU A 44 -7.78 8.40 -19.91
C LEU A 44 -8.14 9.89 -19.68
N HIS A 45 -8.36 10.27 -18.41
CA HIS A 45 -8.95 11.56 -17.97
C HIS A 45 -8.15 12.27 -16.87
N SER A 46 -8.21 13.59 -16.86
CA SER A 46 -7.47 14.45 -15.97
C SER A 46 -8.32 15.69 -15.74
N TYR A 47 -9.22 15.59 -14.78
CA TYR A 47 -10.28 16.57 -14.57
C TYR A 47 -10.04 17.40 -13.33
N TYR A 48 -10.07 18.72 -13.50
CA TYR A 48 -9.91 19.66 -12.38
C TYR A 48 -11.20 20.43 -12.14
N ASN A 49 -11.56 20.65 -10.87
CA ASN A 49 -12.62 21.63 -10.54
C ASN A 49 -12.43 22.03 -9.08
N GLU A 50 -12.76 23.27 -8.74
CA GLU A 50 -12.69 23.73 -7.33
C GLU A 50 -13.41 22.81 -6.35
N ARG A 51 -14.43 22.14 -6.83
CA ARG A 51 -15.24 21.23 -6.03
C ARG A 51 -15.79 20.14 -6.94
N ILE A 52 -14.96 19.13 -7.21
CA ILE A 52 -15.38 18.00 -8.01
C ILE A 52 -16.58 17.36 -7.35
N ASP A 53 -17.60 17.04 -8.13
CA ASP A 53 -18.75 16.29 -7.61
C ASP A 53 -18.37 14.79 -7.55
N ILE A 54 -18.04 14.32 -6.34
CA ILE A 54 -17.56 12.95 -6.15
C ILE A 54 -18.58 11.88 -6.57
N GLY A 55 -19.82 12.05 -6.16
CA GLY A 55 -20.88 11.14 -6.59
C GLY A 55 -20.96 11.03 -8.10
N LYS A 56 -20.85 12.15 -8.79
CA LYS A 56 -20.90 12.13 -10.25
C LYS A 56 -19.71 11.34 -10.84
N VAL A 57 -18.51 11.56 -10.29
CA VAL A 57 -17.31 10.87 -10.77
C VAL A 57 -17.44 9.35 -10.56
N ILE A 58 -17.92 8.96 -9.38
CA ILE A 58 -18.18 7.56 -9.06
C ILE A 58 -19.17 6.96 -10.08
N SER A 59 -20.31 7.64 -10.25
CA SER A 59 -21.37 7.12 -11.13
C SER A 59 -20.90 7.01 -12.58
N TYR A 60 -20.15 7.99 -13.04
CA TYR A 60 -19.67 7.97 -14.41
C TYR A 60 -18.52 6.94 -14.60
N LYS A 61 -17.68 6.73 -13.58
CA LYS A 61 -16.68 5.67 -13.67
C LYS A 61 -17.33 4.29 -13.69
N GLU A 62 -18.36 4.09 -12.87
CA GLU A 62 -19.10 2.83 -12.82
C GLU A 62 -19.78 2.49 -14.17
N LYS A 63 -20.18 3.52 -14.89
CA LYS A 63 -20.88 3.34 -16.13
C LYS A 63 -19.89 3.32 -17.31
N GLY A 64 -18.59 3.46 -17.02
CA GLY A 64 -17.55 3.64 -18.06
C GLY A 64 -17.91 4.83 -18.94
N SER A 65 -17.86 6.03 -18.36
CA SER A 65 -18.58 7.17 -18.92
C SER A 65 -18.02 8.54 -18.48
N LEU A 66 -16.79 8.56 -17.94
CA LEU A 66 -16.08 9.82 -17.68
C LEU A 66 -15.87 10.67 -18.91
N ASP A 67 -15.83 10.05 -20.10
CA ASP A 67 -15.94 10.77 -21.40
C ASP A 67 -16.97 11.91 -21.32
N SER A 68 -18.11 11.67 -20.66
CA SER A 68 -19.20 12.64 -20.60
C SER A 68 -19.02 13.89 -19.71
N LEU A 69 -17.85 14.03 -19.03
CA LEU A 69 -17.55 15.17 -18.12
C LEU A 69 -16.98 16.51 -18.68
N GLU A 70 -17.48 17.58 -18.08
CA GLU A 70 -17.37 18.98 -18.49
CA GLU A 70 -17.32 18.97 -18.56
C GLU A 70 -16.11 19.69 -18.01
N TYR A 71 -15.48 19.08 -17.00
CA TYR A 71 -14.52 19.76 -16.20
C TYR A 71 -13.30 20.20 -16.98
N GLU A 72 -12.60 21.19 -16.46
CA GLU A 72 -11.28 21.51 -16.96
C GLU A 72 -10.43 20.24 -17.11
N SER A 73 -9.70 20.15 -18.23
CA SER A 73 -8.68 19.11 -18.35
C SER A 73 -7.33 19.81 -18.28
N ILE A 74 -6.46 19.30 -17.39
CA ILE A 74 -5.14 19.89 -17.18
C ILE A 74 -4.18 18.74 -16.96
N SER A 75 -2.91 18.92 -17.24
CA SER A 75 -1.95 17.84 -17.08
C SER A 75 -1.63 17.68 -15.59
N ALA A 76 -1.08 16.51 -15.24
CA ALA A 76 -0.71 16.21 -13.86
C ALA A 76 0.13 17.35 -13.32
N SER A 77 1.10 17.85 -14.11
CA SER A 77 1.99 18.93 -13.62
C SER A 77 1.27 20.24 -13.32
N GLU A 78 0.30 20.61 -14.18
CA GLU A 78 -0.51 21.77 -13.92
C GLU A 78 -1.35 21.54 -12.66
N ALA A 79 -1.94 20.33 -12.53
CA ALA A 79 -2.76 20.02 -11.35
C ALA A 79 -1.97 20.17 -10.05
N LEU A 80 -0.68 19.75 -10.04
CA LEU A 80 0.16 19.83 -8.84
C LEU A 80 0.39 21.28 -8.45
N ALA A 81 0.35 22.19 -9.44
CA ALA A 81 0.53 23.61 -9.19
C ALA A 81 -0.75 24.36 -8.74
N ARG A 82 -1.91 23.75 -8.87
CA ARG A 82 -3.15 24.34 -8.33
C ARG A 82 -3.21 24.26 -6.79
N ASP A 83 -4.06 25.05 -6.14
CA ASP A 83 -4.14 25.06 -4.68
CA ASP A 83 -4.13 25.03 -4.67
C ASP A 83 -4.86 23.80 -4.11
N PHE A 84 -4.13 22.98 -3.36
CA PHE A 84 -4.74 21.85 -2.64
C PHE A 84 -3.75 21.39 -1.58
N ASP A 85 -4.11 20.39 -0.79
CA ASP A 85 -3.30 19.94 0.35
C ASP A 85 -2.56 18.65 0.13
N ILE A 86 -3.23 17.63 -0.41
CA ILE A 86 -2.64 16.30 -0.46
C ILE A 86 -2.90 15.59 -1.78
N VAL A 87 -1.88 14.93 -2.28
CA VAL A 87 -1.97 14.06 -3.46
C VAL A 87 -2.17 12.64 -2.96
N VAL A 88 -3.10 11.91 -3.59
CA VAL A 88 -3.24 10.47 -3.32
C VAL A 88 -2.75 9.73 -4.55
N ASP A 89 -1.76 8.84 -4.37
CA ASP A 89 -1.25 8.02 -5.46
C ASP A 89 -1.86 6.63 -5.35
N ALA A 90 -2.87 6.40 -6.17
CA ALA A 90 -3.49 5.08 -6.32
C ALA A 90 -3.29 4.63 -7.77
N THR A 91 -2.12 4.94 -8.32
CA THR A 91 -1.80 4.55 -9.72
C THR A 91 -1.08 3.18 -9.81
N PRO A 92 -0.98 2.58 -11.03
CA PRO A 92 -0.10 1.38 -11.20
C PRO A 92 1.36 1.57 -10.81
N ALA A 93 1.91 0.57 -10.12
CA ALA A 93 3.35 0.54 -9.73
C ALA A 93 4.22 0.31 -10.95
N SER A 94 5.12 1.26 -11.24
CA SER A 94 6.14 1.06 -12.27
C SER A 94 7.18 0.01 -11.83
N ALA A 95 7.90 -0.51 -12.82
CA ALA A 95 8.90 -1.54 -12.60
C ALA A 95 10.08 -0.94 -11.83
N ASP A 96 10.47 0.29 -12.16
CA ASP A 96 11.73 0.85 -11.61
C ASP A 96 11.58 1.98 -10.58
N GLY A 97 10.37 2.43 -10.34
CA GLY A 97 10.09 3.46 -9.33
C GLY A 97 10.38 4.89 -9.79
N LYS A 98 10.89 5.08 -11.02
CA LYS A 98 11.29 6.43 -11.44
C LYS A 98 10.12 7.41 -11.58
N LYS A 99 9.01 6.94 -12.17
CA LYS A 99 7.84 7.80 -12.39
C LYS A 99 7.29 8.29 -11.02
N GLU A 100 7.27 7.38 -10.04
CA GLU A 100 6.78 7.69 -8.68
C GLU A 100 7.74 8.68 -8.05
N LEU A 101 9.05 8.44 -8.18
CA LEU A 101 10.02 9.41 -7.68
C LEU A 101 9.78 10.82 -8.22
N ALA A 102 9.69 10.95 -9.56
CA ALA A 102 9.56 12.27 -10.18
C ALA A 102 8.25 12.95 -9.76
N PHE A 103 7.22 12.14 -9.58
CA PHE A 103 5.89 12.63 -9.24
C PHE A 103 5.87 13.19 -7.82
N TYR A 104 6.49 12.48 -6.87
CA TYR A 104 6.54 12.94 -5.49
C TYR A 104 7.44 14.16 -5.41
N LYS A 105 8.51 14.20 -6.20
CA LYS A 105 9.38 15.37 -6.20
C LYS A 105 8.56 16.61 -6.57
N GLU A 106 7.78 16.52 -7.63
CA GLU A 106 7.03 17.67 -8.12
C GLU A 106 5.92 18.03 -7.14
N THR A 107 5.31 17.03 -6.52
CA THR A 107 4.25 17.24 -5.49
C THR A 107 4.82 18.03 -4.30
N PHE A 108 5.93 17.55 -3.74
CA PHE A 108 6.58 18.22 -2.60
C PHE A 108 7.00 19.67 -2.91
N GLU A 109 7.56 19.87 -4.10
CA GLU A 109 8.10 21.18 -4.48
C GLU A 109 6.96 22.18 -4.68
N ASN A 110 5.81 21.66 -5.07
CA ASN A 110 4.57 22.43 -5.16
C ASN A 110 3.87 22.60 -3.78
N GLY A 111 4.53 22.14 -2.72
CA GLY A 111 4.01 22.32 -1.35
C GLY A 111 2.82 21.42 -0.94
N LYS A 112 2.70 20.21 -1.48
CA LYS A 112 1.62 19.31 -1.07
C LYS A 112 2.20 18.04 -0.46
N ASP A 113 1.45 17.38 0.45
CA ASP A 113 1.89 16.08 0.97
C ASP A 113 1.44 14.95 0.03
N VAL A 114 1.96 13.75 0.29
CA VAL A 114 1.61 12.58 -0.48
C VAL A 114 1.07 11.48 0.48
N VAL A 115 -0.02 10.84 0.07
CA VAL A 115 -0.43 9.55 0.58
C VAL A 115 -0.41 8.57 -0.56
N THR A 116 0.31 7.46 -0.42
CA THR A 116 0.42 6.52 -1.53
C THR A 116 0.01 5.10 -1.18
N ALA A 117 -0.66 4.43 -2.11
CA ALA A 117 -0.86 2.97 -2.04
C ALA A 117 0.12 2.27 -2.97
N ASN A 118 0.79 3.04 -3.83
CA ASN A 118 1.76 2.54 -4.83
C ASN A 118 3.10 2.36 -4.13
N LYS A 119 3.65 1.14 -4.14
CA LYS A 119 4.90 0.89 -3.40
C LYS A 119 6.20 1.19 -4.18
N SER A 120 6.07 1.41 -5.48
CA SER A 120 7.21 1.41 -6.33
C SER A 120 8.30 2.47 -6.08
N GLY A 121 7.90 3.73 -5.91
CA GLY A 121 8.90 4.75 -5.62
C GLY A 121 9.61 4.45 -4.30
N LEU A 122 8.85 4.02 -3.30
CA LEU A 122 9.40 3.79 -1.96
C LEU A 122 10.34 2.60 -1.88
N ALA A 123 10.05 1.58 -2.68
CA ALA A 123 10.88 0.38 -2.72
C ALA A 123 12.21 0.55 -3.49
N ASN A 124 12.24 1.53 -4.37
CA ASN A 124 13.43 1.80 -5.20
C ASN A 124 14.20 3.04 -4.85
N PHE A 125 13.50 4.09 -4.38
CA PHE A 125 14.11 5.39 -4.18
C PHE A 125 13.71 6.00 -2.83
N TRP A 126 13.70 5.18 -1.78
CA TRP A 126 13.35 5.69 -0.46
C TRP A 126 14.18 6.91 -0.02
N PRO A 127 15.54 6.82 -0.04
CA PRO A 127 16.24 7.98 0.53
C PRO A 127 16.02 9.24 -0.32
N GLU A 128 15.80 9.09 -1.63
CA GLU A 128 15.53 10.26 -2.49
C GLU A 128 14.17 10.90 -2.21
N ILE A 129 13.14 10.08 -2.07
CA ILE A 129 11.82 10.54 -1.70
C ILE A 129 11.89 11.25 -0.35
N GLU A 131 14.49 12.65 1.14
CA GLU A 131 15.26 13.90 1.01
C GLU A 131 14.41 15.01 0.37
N TYR A 132 13.68 14.68 -0.69
CA TYR A 132 12.77 15.65 -1.30
C TYR A 132 11.66 16.08 -0.32
N ALA A 133 11.14 15.15 0.47
CA ALA A 133 10.14 15.56 1.48
C ALA A 133 10.71 16.54 2.55
N ARG A 134 11.88 16.19 3.05
CA ARG A 134 12.58 16.98 4.10
CA ARG A 134 12.57 16.97 4.09
C ARG A 134 12.92 18.36 3.56
N SER A 135 13.49 18.38 2.36
CA SER A 135 13.91 19.57 1.67
C SER A 135 12.76 20.56 1.59
N ASN A 136 11.58 20.04 1.24
CA ASN A 136 10.38 20.86 1.03
C ASN A 136 9.47 20.93 2.25
N ASN A 137 9.89 20.34 3.36
CA ASN A 137 9.10 20.41 4.58
C ASN A 137 7.71 19.81 4.37
N ARG A 138 7.66 18.69 3.65
CA ARG A 138 6.41 17.96 3.40
C ARG A 138 6.45 16.55 3.94
N ARG A 139 5.31 15.87 3.87
CA ARG A 139 5.18 14.54 4.48
C ARG A 139 4.62 13.59 3.47
N ILE A 140 4.96 12.31 3.66
CA ILE A 140 4.40 11.20 2.93
C ILE A 140 4.00 10.05 3.88
N ARG A 141 2.79 9.50 3.69
CA ARG A 141 2.40 8.25 4.38
C ARG A 141 2.05 7.18 3.38
N TYR A 142 2.16 5.92 3.81
CA TYR A 142 2.15 4.81 2.86
C TYR A 142 1.55 3.56 3.54
N GLU A 143 0.51 3.74 4.37
CA GLU A 143 -0.15 2.62 5.09
C GLU A 143 -0.45 1.43 4.17
N ALA A 144 -1.08 1.74 3.04
CA ALA A 144 -1.54 0.74 2.14
C ALA A 144 -0.49 0.03 1.31
N THR A 145 0.78 0.48 1.36
CA THR A 145 1.82 -0.23 0.60
C THR A 145 2.23 -1.61 1.12
N VAL A 146 2.00 -1.85 2.42
CA VAL A 146 2.36 -3.11 3.04
C VAL A 146 1.24 -3.54 3.99
N ALA A 147 0.74 -4.75 3.75
CA ALA A 147 -0.32 -5.39 4.52
C ALA A 147 -1.72 -4.72 4.32
N GLY A 148 -1.89 -4.06 3.16
CA GLY A 148 -3.19 -3.53 2.74
C GLY A 148 -3.88 -2.76 3.83
N GLY A 149 -5.10 -3.19 4.19
CA GLY A 149 -5.93 -2.46 5.16
C GLY A 149 -5.63 -2.82 6.62
N VAL A 150 -4.72 -3.77 6.90
CA VAL A 150 -4.37 -4.12 8.31
C VAL A 150 -3.44 -3.02 8.86
N PRO A 151 -3.86 -2.31 9.88
CA PRO A 151 -2.99 -1.27 10.43
C PRO A 151 -1.60 -1.80 10.75
N LEU A 152 -0.58 -1.05 10.33
CA LEU A 152 0.79 -1.57 10.45
C LEU A 152 1.69 -0.38 10.74
N PHE A 153 1.75 0.57 9.81
CA PHE A 153 2.55 1.75 10.07
C PHE A 153 1.92 2.67 11.07
N SER A 154 0.59 2.87 11.01
CA SER A 154 -0.06 3.56 12.14
C SER A 154 0.08 2.81 13.46
N PHE A 155 0.13 1.48 13.43
CA PHE A 155 0.28 0.69 14.65
C PHE A 155 1.66 0.97 15.27
N ILE A 156 2.71 0.79 14.47
CA ILE A 156 4.07 1.14 14.89
C ILE A 156 4.19 2.60 15.40
N ASP A 157 3.59 3.53 14.65
CA ASP A 157 3.76 4.97 14.93
C ASP A 157 2.97 5.49 16.13
N TYR A 158 1.88 4.82 16.51
CA TYR A 158 1.02 5.34 17.58
C TYR A 158 0.69 4.40 18.74
N SER A 159 0.95 3.11 18.57
CA SER A 159 0.59 2.11 19.57
C SER A 159 1.75 1.51 20.32
N VAL A 160 2.96 1.56 19.75
CA VAL A 160 4.11 0.99 20.44
C VAL A 160 5.28 2.00 20.45
N LEU A 161 4.97 3.28 20.67
CA LEU A 161 6.00 4.34 20.79
C LEU A 161 7.17 4.06 21.73
N PRO A 162 6.92 3.42 22.90
CA PRO A 162 8.06 3.28 23.81
C PRO A 162 9.10 2.22 23.41
N SER A 163 8.75 1.29 22.52
CA SER A 163 9.60 0.13 22.25
C SER A 163 10.70 0.53 21.32
N ARG A 164 11.93 0.10 21.62
CA ARG A 164 13.08 0.41 20.76
CA ARG A 164 13.10 0.41 20.77
C ARG A 164 13.39 -0.72 19.77
N ILE A 165 13.78 -1.91 20.28
CA ILE A 165 13.88 -3.12 19.39
C ILE A 165 12.45 -3.47 19.01
N LYS A 166 12.17 -3.45 17.71
CA LYS A 166 10.98 -4.08 17.23
C LYS A 166 11.53 -5.09 16.23
N LYS A 167 10.84 -6.24 16.10
CA LYS A 167 11.19 -7.27 15.12
C LYS A 167 9.88 -7.75 14.54
N PHE A 168 9.85 -8.02 13.24
CA PHE A 168 8.60 -8.25 12.53
C PHE A 168 8.66 -9.59 11.79
N ARG A 169 7.61 -10.39 11.89
CA ARG A 169 7.39 -11.49 10.97
C ARG A 169 5.93 -11.51 10.52
N GLY A 170 5.69 -11.78 9.24
CA GLY A 170 4.34 -11.61 8.67
C GLY A 170 4.12 -12.29 7.33
N ILE A 171 2.87 -12.56 7.02
CA ILE A 171 2.42 -12.89 5.67
C ILE A 171 1.89 -11.56 5.12
N VAL A 172 2.65 -10.97 4.20
CA VAL A 172 2.30 -9.67 3.59
C VAL A 172 2.17 -9.83 2.07
N SER A 173 2.39 -11.05 1.55
CA SER A 173 2.27 -11.28 0.11
C SER A 173 1.39 -12.49 -0.15
N LEU A 174 0.12 -12.24 -0.49
CA LEU A 174 -0.90 -13.30 -0.46
C LEU A 174 -0.91 -14.26 -1.66
N THR A 175 -0.65 -13.74 -2.85
CA THR A 175 -0.79 -14.57 -4.06
C THR A 175 0.22 -15.73 -4.08
N ILE A 176 1.50 -15.45 -3.73
CA ILE A 176 2.52 -16.49 -3.73
C ILE A 176 2.16 -17.49 -2.64
N ASN A 177 1.67 -17.00 -1.51
CA ASN A 177 1.27 -17.91 -0.45
C ASN A 177 0.03 -18.73 -0.84
N TYR A 178 -0.90 -18.14 -1.59
CA TYR A 178 -1.99 -18.94 -2.18
C TYR A 178 -1.45 -20.13 -3.04
N PHE A 179 -0.55 -19.82 -3.96
CA PHE A 179 0.08 -20.85 -4.80
C PHE A 179 0.80 -21.91 -3.98
N ILE A 180 1.53 -21.51 -2.94
CA ILE A 180 2.25 -22.47 -2.11
C ILE A 180 1.28 -23.44 -1.45
N ARG A 181 0.22 -22.90 -0.86
CA ARG A 181 -0.76 -23.66 -0.10
C ARG A 181 -1.56 -24.60 -0.98
N GLU A 182 -1.91 -24.14 -2.18
CA GLU A 182 -2.60 -25.00 -3.17
C GLU A 182 -1.71 -26.12 -3.66
N LEU A 183 -0.45 -25.81 -3.93
CA LEU A 183 0.56 -26.82 -4.30
C LEU A 183 0.81 -27.81 -3.14
N ALA A 184 0.72 -27.33 -1.91
CA ALA A 184 0.81 -28.22 -0.75
C ALA A 184 -0.38 -29.17 -0.68
N ASN A 185 -1.48 -28.82 -1.35
CA ASN A 185 -2.65 -29.72 -1.47
C ASN A 185 -2.48 -30.81 -2.53
N LYS A 186 -1.25 -30.92 -3.05
CA LYS A 186 -0.89 -31.91 -4.05
C LYS A 186 -1.63 -31.64 -5.36
N ARG A 187 -1.57 -30.39 -5.79
CA ARG A 187 -2.04 -30.01 -7.11
C ARG A 187 -0.83 -29.66 -7.97
N GLU A 188 -1.05 -29.67 -9.28
CA GLU A 188 -0.03 -29.34 -10.27
C GLU A 188 -0.01 -27.84 -10.53
N PHE A 189 1.19 -27.26 -10.67
CA PHE A 189 1.32 -25.83 -10.90
C PHE A 189 0.39 -25.33 -12.02
N ASP A 190 0.42 -26.00 -13.14
CA ASP A 190 -0.40 -25.57 -14.29
C ASP A 190 -1.91 -25.50 -13.99
N ASP A 191 -2.42 -26.46 -13.20
CA ASP A 191 -3.83 -26.51 -12.77
C ASP A 191 -4.17 -25.38 -11.77
N VAL A 192 -3.28 -25.15 -10.80
CA VAL A 192 -3.45 -24.00 -9.86
C VAL A 192 -3.51 -22.70 -10.65
N LEU A 193 -2.61 -22.54 -11.61
CA LEU A 193 -2.48 -21.27 -12.32
C LEU A 193 -3.69 -21.01 -13.22
N SER A 194 -4.11 -22.07 -13.90
CA SER A 194 -5.25 -22.00 -14.80
C SER A 194 -6.54 -21.57 -14.06
N GLU A 195 -6.85 -22.27 -12.96
CA GLU A 195 -7.97 -21.91 -12.11
C GLU A 195 -7.86 -20.52 -11.52
N ALA A 196 -6.68 -20.18 -10.97
CA ALA A 196 -6.44 -18.85 -10.39
C ALA A 196 -6.68 -17.73 -11.40
N THR A 197 -6.37 -18.00 -12.68
CA THR A 197 -6.62 -17.03 -13.73
C THR A 197 -8.14 -16.81 -13.96
N LYS A 198 -8.88 -17.91 -14.10
CA LYS A 198 -10.36 -17.86 -14.24
C LYS A 198 -11.01 -17.12 -13.04
N LEU A 199 -10.49 -17.37 -11.83
CA LEU A 199 -11.02 -16.72 -10.62
C LEU A 199 -10.60 -15.26 -10.43
N GLY A 200 -9.71 -14.76 -11.30
CA GLY A 200 -9.17 -13.41 -11.20
C GLY A 200 -8.16 -13.24 -10.07
N ILE A 201 -7.65 -14.35 -9.54
CA ILE A 201 -6.66 -14.31 -8.46
C ILE A 201 -5.27 -13.79 -8.90
N VAL A 202 -4.88 -14.06 -10.14
CA VAL A 202 -3.59 -13.53 -10.68
C VAL A 202 -3.80 -12.59 -11.85
N ASN A 205 0.28 -11.75 -16.14
CA ASN A 205 1.63 -11.45 -15.67
C ASN A 205 1.85 -11.50 -14.13
N TYR A 206 2.05 -12.72 -13.66
CA TYR A 206 2.07 -13.07 -12.26
C TYR A 206 3.50 -13.18 -11.73
N LYS A 207 4.46 -12.74 -12.55
CA LYS A 207 5.89 -12.94 -12.28
C LYS A 207 6.34 -12.30 -10.95
N ASP A 208 6.03 -11.02 -10.75
CA ASP A 208 6.48 -10.31 -9.54
C ASP A 208 6.01 -10.95 -8.24
N ASP A 209 4.77 -11.44 -8.26
CA ASP A 209 4.24 -12.19 -7.11
C ASP A 209 4.96 -13.46 -6.86
N LEU A 210 5.05 -14.32 -7.89
CA LEU A 210 5.56 -15.67 -7.66
C LEU A 210 7.10 -15.84 -7.54
N THR A 211 7.87 -14.82 -7.87
CA THR A 211 9.34 -14.85 -7.64
C THR A 211 9.67 -14.28 -6.25
N GLY A 212 8.66 -13.77 -5.55
CA GLY A 212 8.86 -13.20 -4.23
C GLY A 212 9.23 -11.73 -4.28
N LEU A 213 9.27 -11.17 -5.47
CA LEU A 213 9.60 -9.77 -5.66
C LEU A 213 8.60 -8.81 -5.01
N ASP A 214 7.31 -9.12 -5.09
CA ASP A 214 6.29 -8.32 -4.39
C ASP A 214 6.58 -8.22 -2.89
N ALA A 215 6.86 -9.37 -2.29
CA ALA A 215 7.27 -9.41 -0.90
C ALA A 215 8.54 -8.58 -0.63
N ALA A 216 9.54 -8.69 -1.53
CA ALA A 216 10.79 -7.98 -1.38
C ALA A 216 10.55 -6.47 -1.34
N ARG A 217 9.76 -5.93 -2.27
CA ARG A 217 9.44 -4.47 -2.30
C ARG A 217 8.82 -4.01 -1.00
N LYS A 218 7.92 -4.84 -0.46
CA LYS A 218 7.25 -4.48 0.80
C LYS A 218 8.23 -4.51 1.94
N SER A 219 9.14 -5.49 1.89
CA SER A 219 10.13 -5.62 2.99
C SER A 219 11.06 -4.40 3.04
N VAL A 220 11.34 -3.77 1.88
CA VAL A 220 12.21 -2.57 1.85
C VAL A 220 11.53 -1.46 2.66
N ILE A 221 10.24 -1.27 2.40
CA ILE A 221 9.45 -0.21 3.02
C ILE A 221 9.34 -0.48 4.51
N LEU A 222 9.02 -1.71 4.87
CA LEU A 222 8.93 -2.04 6.27
C LEU A 222 10.23 -1.85 7.05
N CYS A 223 11.32 -2.37 6.52
CA CYS A 223 12.64 -2.29 7.19
C CYS A 223 13.07 -0.82 7.34
N ASN A 224 12.96 -0.04 6.27
CA ASN A 224 13.28 1.38 6.34
C ASN A 224 12.43 2.13 7.39
N HIS A 225 11.14 1.82 7.43
CA HIS A 225 10.26 2.52 8.39
C HIS A 225 10.64 2.13 9.82
N LEU A 226 10.85 0.84 10.05
CA LEU A 226 11.21 0.36 11.39
C LEU A 226 12.55 0.78 11.90
N TYR A 227 13.55 0.82 11.03
CA TYR A 227 14.94 0.93 11.52
C TYR A 227 15.66 2.18 11.07
N GLY A 228 15.01 2.99 10.26
CA GLY A 228 15.64 4.21 9.74
C GLY A 228 16.75 3.94 8.72
N SER A 229 16.76 2.73 8.15
CA SER A 229 17.67 2.39 7.06
C SER A 229 17.20 3.07 5.78
N SER A 230 18.09 3.16 4.80
CA SER A 230 17.78 3.73 3.50
C SER A 230 17.93 2.69 2.43
N TYR A 231 17.46 1.49 2.70
CA TYR A 231 17.65 0.37 1.77
C TYR A 231 16.88 0.51 0.47
N ARG A 232 17.35 -0.20 -0.58
CA ARG A 232 16.58 -0.45 -1.80
C ARG A 232 16.49 -1.96 -1.92
N LEU A 233 15.92 -2.42 -3.03
CA LEU A 233 15.69 -3.84 -3.26
C LEU A 233 16.93 -4.71 -3.12
N SER A 234 18.07 -4.26 -3.65
CA SER A 234 19.29 -5.07 -3.53
C SER A 234 19.79 -5.30 -2.10
N ASP A 235 19.23 -4.57 -1.12
CA ASP A 235 19.67 -4.72 0.27
C ASP A 235 18.89 -5.80 1.02
N VAL A 236 17.85 -6.36 0.40
CA VAL A 236 17.02 -7.38 1.04
C VAL A 236 17.14 -8.74 0.31
N PHE A 237 16.77 -9.79 1.00
CA PHE A 237 16.75 -11.11 0.42
C PHE A 237 15.33 -11.51 0.05
N TYR A 238 15.17 -12.23 -1.04
CA TYR A 238 13.86 -12.82 -1.32
C TYR A 238 13.98 -14.04 -2.23
N GLU A 239 12.92 -14.85 -2.24
CA GLU A 239 12.89 -16.04 -3.08
C GLU A 239 11.44 -16.32 -3.41
N GLY A 240 11.25 -17.19 -4.40
CA GLY A 240 9.91 -17.53 -4.84
C GLY A 240 9.76 -19.00 -5.15
N ILE A 241 8.80 -19.30 -6.02
CA ILE A 241 8.43 -20.68 -6.29
C ILE A 241 8.67 -21.08 -7.75
N LEU A 242 9.05 -20.09 -8.57
CA LEU A 242 9.25 -20.34 -9.99
C LEU A 242 10.55 -21.12 -10.26
N ASP A 245 11.14 -26.68 -9.27
CA ASP A 245 10.27 -27.85 -9.20
C ASP A 245 10.50 -28.70 -7.95
N ARG A 246 9.52 -28.71 -7.07
CA ARG A 246 9.54 -29.52 -5.85
C ARG A 246 8.15 -29.51 -5.18
N SER A 247 7.95 -30.36 -4.18
CA SER A 247 6.68 -30.33 -3.46
C SER A 247 6.73 -29.51 -2.16
N PHE A 248 5.57 -29.01 -1.73
CA PHE A 248 5.50 -28.11 -0.59
C PHE A 248 4.76 -28.74 0.57
N GLY A 249 5.25 -28.51 1.78
CA GLY A 249 4.54 -28.95 3.01
C GLY A 249 3.33 -28.08 3.35
N LYS A 250 2.47 -28.60 4.22
CA LYS A 250 1.27 -27.89 4.64
C LYS A 250 1.59 -26.70 5.52
N ASN A 251 2.74 -26.74 6.15
CA ASN A 251 3.15 -25.69 7.05
C ASN A 251 4.16 -24.69 6.44
N GLU A 252 4.36 -24.74 5.12
CA GLU A 252 5.21 -23.80 4.43
C GLU A 252 4.46 -22.52 4.03
N ARG A 253 5.11 -21.39 4.30
CA ARG A 253 4.66 -20.05 3.88
C ARG A 253 5.85 -19.22 3.42
N LEU A 254 5.62 -18.22 2.57
CA LEU A 254 6.64 -17.21 2.31
C LEU A 254 6.44 -16.15 3.39
N VAL A 255 7.37 -16.11 4.34
CA VAL A 255 7.24 -15.23 5.49
C VAL A 255 8.20 -14.06 5.29
N THR A 256 7.74 -12.85 5.51
CA THR A 256 8.59 -11.70 5.43
C THR A 256 9.01 -11.31 6.85
N GLU A 257 10.35 -11.22 7.07
CA GLU A 257 10.91 -10.88 8.40
C GLU A 257 11.87 -9.75 8.34
N THR A 258 11.80 -8.87 9.35
CA THR A 258 12.75 -7.78 9.47
C THR A 258 13.21 -7.73 10.93
N GLY A 259 14.47 -7.36 11.16
CA GLY A 259 14.93 -7.17 12.50
C GLY A 259 16.38 -6.70 12.44
N ILE A 260 16.97 -6.45 13.61
CA ILE A 260 18.39 -6.07 13.66
C ILE A 260 19.17 -7.38 13.87
N VAL A 261 20.04 -7.68 12.92
CA VAL A 261 20.81 -8.93 12.94
C VAL A 261 22.29 -8.56 12.85
N ASN A 262 23.08 -8.90 13.86
CA ASN A 262 24.49 -8.49 13.86
C ASN A 262 24.68 -6.97 13.82
N GLY A 263 23.78 -6.22 14.47
CA GLY A 263 23.88 -4.74 14.52
C GLY A 263 23.41 -4.04 13.25
N LYS A 264 22.99 -4.81 12.25
CA LYS A 264 22.57 -4.24 10.96
C LYS A 264 21.09 -4.59 10.72
N PRO A 265 20.27 -3.59 10.29
CA PRO A 265 18.88 -3.97 9.87
C PRO A 265 18.89 -4.99 8.75
N SER A 266 18.04 -5.99 8.86
CA SER A 266 18.00 -7.05 7.88
C SER A 266 16.55 -7.32 7.46
N ALA A 267 16.33 -7.57 6.18
CA ALA A 267 14.93 -7.88 5.75
C ALA A 267 14.94 -9.08 4.80
N GLU A 268 14.10 -10.09 5.02
CA GLU A 268 14.11 -11.30 4.19
C GLU A 268 12.72 -11.85 3.98
N SER A 269 12.45 -12.33 2.78
CA SER A 269 11.22 -13.06 2.50
C SER A 269 11.63 -14.46 2.06
N ARG A 270 11.29 -15.45 2.87
CA ARG A 270 11.77 -16.82 2.64
C ARG A 270 10.65 -17.81 2.78
N ILE A 271 10.72 -18.91 2.01
CA ILE A 271 9.77 -20.01 2.20
C ILE A 271 10.23 -20.86 3.34
N LYS A 272 9.40 -20.95 4.39
CA LYS A 272 9.75 -21.69 5.59
C LYS A 272 8.67 -22.65 6.02
N SER A 273 9.09 -23.79 6.58
CA SER A 273 8.17 -24.71 7.20
C SER A 273 7.99 -24.21 8.62
N LEU A 274 6.79 -23.80 8.97
CA LEU A 274 6.59 -23.16 10.27
C LEU A 274 6.27 -24.23 11.31
N ASP A 275 6.55 -23.97 12.58
CA ASP A 275 6.09 -24.87 13.65
C ASP A 275 4.58 -24.87 13.69
N SER A 276 4.00 -26.02 14.02
CA SER A 276 2.55 -26.21 13.86
C SER A 276 1.68 -25.21 14.69
N ASN A 277 2.25 -24.64 15.76
CA ASN A 277 1.54 -23.63 16.61
C ASN A 277 1.90 -22.14 16.30
N ASP A 278 2.65 -21.90 15.23
CA ASP A 278 2.98 -20.53 14.78
C ASP A 278 1.70 -19.72 14.47
N TYR A 279 1.59 -18.50 14.98
CA TYR A 279 0.42 -17.62 14.73
C TYR A 279 0.17 -17.50 13.21
N LEU A 280 1.26 -17.46 12.45
CA LEU A 280 1.13 -17.15 11.03
C LEU A 280 0.44 -18.30 10.32
N LEU A 281 0.54 -19.51 10.88
CA LEU A 281 -0.16 -20.64 10.28
C LEU A 281 -1.66 -20.52 10.45
N THR A 282 -2.13 -19.70 11.39
CA THR A 282 -3.57 -19.61 11.64
C THR A 282 -4.29 -18.78 10.59
N LEU A 283 -3.55 -18.02 9.81
CA LEU A 283 -4.18 -17.07 8.86
C LEU A 283 -4.76 -17.73 7.61
N GLY A 284 -6.00 -17.36 7.27
CA GLY A 284 -6.70 -17.83 6.06
C GLY A 284 -5.97 -17.36 4.82
N LYS A 285 -6.31 -17.93 3.68
CA LYS A 285 -5.64 -17.58 2.43
C LYS A 285 -5.88 -16.14 1.97
N GLY A 286 -6.96 -15.54 2.46
CA GLY A 286 -7.26 -14.13 2.21
C GLY A 286 -6.85 -13.16 3.33
N SER A 287 -6.09 -13.63 4.30
CA SER A 287 -5.79 -12.88 5.51
C SER A 287 -4.33 -12.41 5.56
N LEU A 288 -4.13 -11.11 5.67
CA LEU A 288 -2.82 -10.52 5.94
C LEU A 288 -2.62 -10.42 7.43
N GLY A 289 -1.43 -10.66 7.95
CA GLY A 289 -1.24 -10.58 9.41
C GLY A 289 0.22 -10.65 9.77
N TYR A 290 0.54 -10.30 11.01
CA TYR A 290 1.92 -10.22 11.40
C TYR A 290 2.05 -10.35 12.90
N GLN A 291 3.29 -10.63 13.32
CA GLN A 291 3.62 -10.66 14.72
C GLN A 291 4.74 -9.69 14.89
N LEU A 292 4.58 -8.77 15.84
CA LEU A 292 5.50 -7.70 16.05
C LEU A 292 6.10 -7.88 17.47
N GLN A 293 7.39 -8.22 17.55
CA GLN A 293 7.98 -8.45 18.87
C GLN A 293 8.67 -7.18 19.31
N THR A 294 8.31 -6.65 20.46
CA THR A 294 8.85 -5.37 20.94
C THR A 294 9.45 -5.53 22.33
N ASP A 295 10.33 -4.62 22.73
CA ASP A 295 10.95 -4.78 24.01
C ASP A 295 10.20 -4.15 25.17
N THR A 296 9.23 -3.31 24.87
CA THR A 296 8.50 -2.59 25.92
C THR A 296 6.98 -2.82 25.91
N ASN A 297 6.49 -3.31 24.79
CA ASN A 297 5.05 -3.53 24.61
C ASN A 297 4.69 -4.97 24.29
N GLY A 298 5.55 -5.90 24.69
CA GLY A 298 5.34 -7.34 24.42
C GLY A 298 5.40 -7.73 22.93
N THR A 299 4.83 -8.90 22.64
CA THR A 299 4.68 -9.40 21.27
C THR A 299 3.20 -9.37 20.86
N LEU A 300 2.92 -8.67 19.77
CA LEU A 300 1.56 -8.38 19.35
C LEU A 300 1.25 -9.10 18.07
N ASN A 301 0.10 -9.77 18.03
CA ASN A 301 -0.40 -10.38 16.79
C ASN A 301 -1.53 -9.54 16.20
N VAL A 302 -1.45 -9.19 14.92
CA VAL A 302 -2.47 -8.36 14.27
C VAL A 302 -2.77 -8.94 12.91
N SER A 303 -4.06 -9.07 12.58
CA SER A 303 -4.42 -9.51 11.22
C SER A 303 -5.82 -9.01 10.88
N ASP A 304 -6.25 -9.14 9.60
CA ASP A 304 -7.65 -8.97 9.22
C ASP A 304 -8.23 -10.35 8.91
N LEU A 305 -9.48 -10.39 8.51
CA LEU A 305 -10.09 -11.66 8.14
C LEU A 305 -9.99 -11.87 6.60
N TYR A 306 -10.33 -10.84 5.85
CA TYR A 306 -10.32 -10.93 4.40
C TYR A 306 -9.77 -9.61 3.84
N ASP A 307 -8.67 -9.71 3.11
CA ASP A 307 -8.06 -8.57 2.48
C ASP A 307 -8.93 -8.15 1.29
N GLY A 308 -9.01 -6.84 1.02
CA GLY A 308 -9.70 -6.38 -0.20
C GLY A 308 -9.46 -4.91 -0.45
N PRO A 309 -9.84 -4.42 -1.64
CA PRO A 309 -9.49 -3.03 -1.97
C PRO A 309 -10.27 -2.00 -1.18
N TYR A 310 -11.46 -2.35 -0.72
CA TYR A 310 -12.22 -1.38 0.06
C TYR A 310 -11.46 -1.07 1.37
N GLU A 311 -11.01 -2.12 2.05
CA GLU A 311 -10.21 -1.99 3.29
C GLU A 311 -8.88 -1.30 3.06
N THR A 312 -8.28 -1.59 1.91
CA THR A 312 -7.07 -0.94 1.47
C THR A 312 -7.32 0.55 1.29
N ALA A 313 -8.44 0.93 0.66
CA ALA A 313 -8.72 2.33 0.49
C ALA A 313 -8.96 2.92 1.89
N GLY A 314 -9.50 2.11 2.80
CA GLY A 314 -9.71 2.57 4.19
C GLY A 314 -8.38 2.90 4.90
N ALA A 315 -7.33 2.18 4.56
CA ALA A 315 -5.99 2.51 5.05
C ALA A 315 -5.45 3.83 4.48
N VAL A 316 -5.67 4.05 3.18
CA VAL A 316 -5.34 5.34 2.59
C VAL A 316 -6.08 6.45 3.35
N ASN A 318 -7.22 6.43 6.44
CA ASN A 318 -6.62 6.64 7.79
C ASN A 318 -5.39 7.54 7.72
N ASP A 319 -4.52 7.32 6.72
CA ASP A 319 -3.37 8.21 6.47
C ASP A 319 -3.82 9.66 6.24
N LEU A 320 -4.81 9.84 5.37
CA LEU A 320 -5.38 11.18 5.14
C LEU A 320 -5.86 11.84 6.43
N VAL A 321 -6.55 11.07 7.27
CA VAL A 321 -6.96 11.66 8.56
C VAL A 321 -5.76 11.98 9.47
N ILE A 322 -4.79 11.07 9.58
CA ILE A 322 -3.60 11.37 10.38
C ILE A 322 -2.94 12.67 9.93
N LEU A 323 -2.76 12.84 8.63
CA LEU A 323 -2.09 14.04 8.13
C LEU A 323 -2.87 15.31 8.40
N SER A 324 -4.18 15.18 8.50
CA SER A 324 -5.02 16.35 8.61
C SER A 324 -5.36 16.75 10.07
#